data_9FWU
#
_entry.id   9FWU
#
_cell.length_a   43.811
_cell.length_b   100.392
_cell.length_c   51.261
_cell.angle_alpha   90
_cell.angle_beta   114.53
_cell.angle_gamma   90
#
_symmetry.space_group_name_H-M   'P 1 21 1'
#
loop_
_entity.id
_entity.type
_entity.pdbx_description
1 polymer 'Non-structural protein 10'
2 polymer 'Guanine-N7 methyltransferase nsp14'
3 non-polymer N,N-dimethyl-3-oxidanyl-benzamide
4 non-polymer 'ZINC ION'
5 non-polymer 'DIMETHYL SULFOXIDE'
6 water water
#
loop_
_entity_poly.entity_id
_entity_poly.type
_entity_poly.pdbx_seq_one_letter_code
_entity_poly.pdbx_strand_id
1 'polypeptide(L)'
;AGNATEVPANSTVLSFCAFAVDAAKAYKDYLASGGQPITNCVKMLCTHTGTGQAITVTPEANMDQESFGGASCCLYCRCH
IDHPNPKGFCDLKGKYVQIPTTCANDPVGFTLKNTVCTVCGMWKGYGCSCD
;
A
2 'polypeptide(L)'
;MAENVTGLFKDCSKVITGLHPTQAPTHLSVDTKFKTEGLCVDIPGIPKDMTYRRLISMMGFKMNYQVNGYPNMFITREEA
IRHVRAWIGFDVEGCHATREAVGTNLPLQLGFSTGVNLVAVPTGYVDTPNNTDFSRVSAKPPPGDQFKHLIPLMYKGLPW
NVVRIKIVQMLSDTLKNLSDRVVFVLWAHGFELTSMKYFVKIGPERTCCLCDRRATCFSTASDTYACWHHSIGFDYVYNP
FMIDVQQWGFTGNLQSNHDLYCQVHGNAHVASCDAIMTRCLAVHECFVKR
;
B
#
# COMPACT_ATOMS: atom_id res chain seq x y z
N ALA A 1 3.56 7.43 -18.56
CA ALA A 1 4.92 7.00 -18.30
C ALA A 1 4.92 5.81 -17.34
N GLY A 2 5.91 4.94 -17.47
CA GLY A 2 6.02 3.79 -16.59
C GLY A 2 5.53 2.52 -17.24
N ASN A 3 5.77 1.38 -16.57
CA ASN A 3 5.41 0.06 -17.04
C ASN A 3 4.64 -0.67 -15.98
N ALA A 4 3.45 -1.10 -16.32
CA ALA A 4 2.61 -1.83 -15.38
C ALA A 4 3.23 -3.11 -14.88
N THR A 5 3.04 -3.40 -13.59
CA THR A 5 3.42 -4.68 -13.05
C THR A 5 2.22 -5.54 -12.73
N GLU A 6 1.02 -4.95 -12.50
CA GLU A 6 -0.07 -5.78 -12.02
C GLU A 6 -1.28 -5.82 -12.92
N VAL A 7 -2.14 -6.79 -12.64
CA VAL A 7 -3.41 -7.02 -13.35
C VAL A 7 -4.58 -6.69 -12.40
N PRO A 8 -5.75 -6.29 -12.94
CA PRO A 8 -6.85 -5.89 -12.04
C PRO A 8 -7.41 -6.98 -11.16
N ALA A 9 -7.23 -8.27 -11.51
CA ALA A 9 -7.72 -9.35 -10.65
C ALA A 9 -7.01 -9.35 -9.29
N ASN A 10 -5.84 -8.71 -9.19
CA ASN A 10 -5.12 -8.65 -7.94
C ASN A 10 -5.30 -7.34 -7.15
N SER A 11 -5.95 -6.30 -7.74
CA SER A 11 -6.06 -5.03 -7.05
C SER A 11 -6.64 -5.09 -5.64
N THR A 12 -7.75 -5.79 -5.44
CA THR A 12 -8.40 -5.81 -4.12
C THR A 12 -7.50 -6.44 -3.06
N VAL A 13 -6.99 -7.66 -3.34
CA VAL A 13 -6.20 -8.37 -2.33
C VAL A 13 -4.91 -7.66 -2.03
N LEU A 14 -4.27 -7.06 -3.08
CA LEU A 14 -3.01 -6.37 -2.80
C LEU A 14 -3.23 -5.08 -2.00
N SER A 15 -4.34 -4.38 -2.29
CA SER A 15 -4.66 -3.16 -1.55
C SER A 15 -4.95 -3.51 -0.08
N PHE A 16 -5.76 -4.56 0.16
CA PHE A 16 -6.09 -4.99 1.51
C PHE A 16 -4.82 -5.34 2.31
N CYS A 17 -3.93 -6.14 1.69
CA CYS A 17 -2.73 -6.55 2.41
C CYS A 17 -1.70 -5.41 2.54
N ALA A 18 -1.71 -4.45 1.59
CA ALA A 18 -0.78 -3.30 1.66
C ALA A 18 -1.08 -2.37 2.82
N PHE A 19 -2.33 -2.34 3.29
CA PHE A 19 -2.74 -1.50 4.44
C PHE A 19 -2.79 -2.26 5.75
N ALA A 20 -2.77 -3.60 5.72
CA ALA A 20 -2.93 -4.36 6.97
C ALA A 20 -1.82 -4.20 7.96
N VAL A 21 -2.16 -4.20 9.28
CA VAL A 21 -1.12 -4.30 10.32
C VAL A 21 -0.40 -5.66 10.13
N ASP A 22 -1.19 -6.74 9.93
CA ASP A 22 -0.65 -8.08 9.80
C ASP A 22 -1.04 -8.58 8.41
N ALA A 23 -0.11 -8.40 7.46
CA ALA A 23 -0.41 -8.73 6.07
C ALA A 23 -0.63 -10.21 5.86
N ALA A 24 0.19 -11.07 6.54
CA ALA A 24 -0.03 -12.52 6.37
C ALA A 24 -1.41 -12.97 6.85
N LYS A 25 -1.85 -12.44 8.01
CA LYS A 25 -3.17 -12.76 8.53
C LYS A 25 -4.25 -12.23 7.59
N ALA A 26 -4.05 -11.01 7.05
CA ALA A 26 -5.01 -10.47 6.12
C ALA A 26 -5.16 -11.34 4.89
N TYR A 27 -4.00 -11.82 4.32
CA TYR A 27 -4.12 -12.68 3.14
C TYR A 27 -4.87 -14.01 3.52
N LYS A 28 -4.51 -14.64 4.65
CA LYS A 28 -5.21 -15.88 5.10
C LYS A 28 -6.71 -15.63 5.27
N ASP A 29 -7.06 -14.47 5.85
CA ASP A 29 -8.48 -14.16 6.07
C ASP A 29 -9.19 -13.86 4.78
N TYR A 30 -8.51 -13.17 3.82
CA TYR A 30 -9.11 -12.89 2.53
C TYR A 30 -9.51 -14.17 1.81
N LEU A 31 -8.62 -15.16 1.83
CA LEU A 31 -8.89 -16.45 1.22
C LEU A 31 -10.04 -17.14 1.96
N ALA A 32 -10.04 -17.08 3.29
CA ALA A 32 -11.11 -17.76 4.04
C ALA A 32 -12.47 -17.12 3.79
N SER A 33 -12.52 -15.82 3.42
CA SER A 33 -13.79 -15.18 3.10
C SER A 33 -14.21 -15.37 1.64
N GLY A 34 -13.48 -16.22 0.88
CA GLY A 34 -13.85 -16.50 -0.50
C GLY A 34 -13.07 -15.80 -1.59
N GLY A 35 -12.03 -15.05 -1.20
CA GLY A 35 -11.22 -14.33 -2.16
C GLY A 35 -10.33 -15.26 -2.99
N GLN A 36 -9.98 -14.80 -4.17
CA GLN A 36 -9.10 -15.56 -5.06
C GLN A 36 -7.64 -15.36 -4.68
N PRO A 37 -6.83 -16.41 -4.80
CA PRO A 37 -5.40 -16.25 -4.54
C PRO A 37 -4.75 -15.28 -5.52
N ILE A 38 -3.62 -14.69 -5.08
CA ILE A 38 -2.86 -13.80 -5.97
C ILE A 38 -2.38 -14.54 -7.22
N THR A 39 -2.61 -13.95 -8.38
CA THR A 39 -2.18 -14.50 -9.65
C THR A 39 -1.03 -13.67 -10.25
N ASN A 40 -0.65 -13.88 -11.53
CA ASN A 40 0.40 -13.10 -12.14
C ASN A 40 1.77 -13.39 -11.46
N CYS A 41 1.93 -14.61 -10.88
CA CYS A 41 3.23 -15.03 -10.36
C CYS A 41 4.17 -15.36 -11.57
N VAL A 42 5.43 -15.55 -11.28
CA VAL A 42 6.44 -15.85 -12.30
C VAL A 42 6.62 -17.39 -12.29
N LYS A 43 5.87 -18.08 -13.14
CA LYS A 43 5.96 -19.55 -13.21
C LYS A 43 6.97 -19.91 -14.30
N MET A 44 7.83 -20.89 -14.01
CA MET A 44 8.88 -21.24 -14.92
C MET A 44 8.59 -22.50 -15.71
N LEU A 45 9.20 -22.57 -16.90
CA LEU A 45 9.23 -23.84 -17.64
C LEU A 45 10.57 -24.47 -17.29
N CYS A 46 10.57 -25.75 -16.97
CA CYS A 46 11.80 -26.44 -16.58
C CYS A 46 11.73 -27.90 -17.02
N THR A 47 12.76 -28.72 -16.69
CA THR A 47 12.74 -30.14 -17.09
C THR A 47 12.14 -31.07 -16.04
N HIS A 48 11.71 -30.56 -14.87
CA HIS A 48 11.16 -31.41 -13.80
C HIS A 48 12.06 -32.59 -13.43
N THR A 49 13.38 -32.36 -13.52
CA THR A 49 14.41 -33.35 -13.10
C THR A 49 15.33 -32.73 -12.05
N GLY A 50 14.84 -31.75 -11.30
CA GLY A 50 15.64 -31.06 -10.30
C GLY A 50 15.77 -31.75 -8.97
N THR A 51 16.49 -31.10 -8.03
CA THR A 51 16.70 -31.68 -6.72
C THR A 51 15.48 -31.71 -5.84
N GLY A 52 14.52 -30.82 -6.11
CA GLY A 52 13.34 -30.72 -5.26
C GLY A 52 13.55 -29.86 -4.03
N GLN A 53 14.77 -29.27 -3.86
CA GLN A 53 15.02 -28.36 -2.73
C GLN A 53 14.06 -27.15 -2.83
N ALA A 54 13.66 -26.59 -1.70
CA ALA A 54 12.69 -25.52 -1.63
C ALA A 54 13.10 -24.21 -2.26
N ILE A 55 14.33 -23.70 -1.95
CA ILE A 55 14.81 -22.38 -2.37
C ILE A 55 16.15 -22.55 -3.01
N THR A 56 16.24 -22.24 -4.31
CA THR A 56 17.42 -22.55 -5.12
C THR A 56 17.88 -21.43 -6.04
N VAL A 57 19.10 -21.52 -6.52
N VAL A 57 19.14 -21.48 -6.53
CA VAL A 57 19.65 -20.51 -7.39
CA VAL A 57 19.62 -20.40 -7.40
C VAL A 57 19.05 -20.55 -8.80
C VAL A 57 19.08 -20.52 -8.83
N THR A 58 18.76 -21.74 -9.28
CA THR A 58 18.17 -21.98 -10.59
C THR A 58 16.93 -22.89 -10.37
N PRO A 59 16.05 -23.05 -11.37
CA PRO A 59 14.87 -23.90 -11.13
C PRO A 59 15.25 -25.33 -10.80
N GLU A 60 14.64 -25.91 -9.78
CA GLU A 60 14.97 -27.27 -9.33
C GLU A 60 13.73 -28.13 -9.08
N ALA A 61 12.60 -27.86 -9.75
CA ALA A 61 11.41 -28.69 -9.55
C ALA A 61 11.64 -30.11 -9.88
N ASN A 62 11.13 -30.99 -9.02
CA ASN A 62 11.10 -32.41 -9.35
C ASN A 62 9.70 -32.69 -9.95
N MET A 63 9.34 -33.97 -10.22
CA MET A 63 8.07 -34.25 -10.90
C MET A 63 6.84 -33.98 -10.00
N ASP A 64 7.05 -33.70 -8.72
CA ASP A 64 5.96 -33.38 -7.81
C ASP A 64 5.81 -31.88 -7.59
N GLN A 65 6.57 -31.03 -8.33
CA GLN A 65 6.60 -29.60 -8.06
C GLN A 65 6.49 -28.76 -9.30
N GLU A 66 6.36 -27.43 -9.06
CA GLU A 66 6.56 -26.41 -10.08
C GLU A 66 7.61 -25.42 -9.55
N SER A 67 8.35 -24.78 -10.45
CA SER A 67 9.30 -23.73 -10.06
C SER A 67 8.73 -22.38 -10.35
N PHE A 68 8.93 -21.45 -9.41
CA PHE A 68 8.52 -20.05 -9.57
C PHE A 68 9.64 -19.11 -9.26
N GLY A 69 9.60 -17.90 -9.84
CA GLY A 69 10.48 -16.82 -9.42
C GLY A 69 10.14 -16.46 -7.97
N GLY A 70 11.17 -16.35 -7.12
CA GLY A 70 11.01 -16.19 -5.68
C GLY A 70 10.28 -14.95 -5.20
N ALA A 71 10.62 -13.78 -5.78
CA ALA A 71 9.95 -12.54 -5.36
C ALA A 71 8.46 -12.63 -5.64
N SER A 72 8.08 -13.33 -6.72
CA SER A 72 6.68 -13.37 -7.09
C SER A 72 5.82 -14.24 -6.19
N CYS A 73 6.45 -15.02 -5.32
CA CYS A 73 5.73 -15.87 -4.36
C CYS A 73 5.80 -15.32 -2.97
N CYS A 74 6.29 -14.09 -2.79
CA CYS A 74 6.48 -13.50 -1.50
C CYS A 74 5.43 -12.42 -1.31
N LEU A 75 4.54 -12.56 -0.31
CA LEU A 75 3.51 -11.55 -0.10
C LEU A 75 4.09 -10.15 0.10
N TYR A 76 5.24 -10.08 0.80
CA TYR A 76 5.84 -8.80 1.12
C TYR A 76 6.45 -8.13 -0.08
N CYS A 77 7.03 -8.91 -0.99
CA CYS A 77 7.49 -8.38 -2.28
C CYS A 77 6.29 -7.93 -3.13
N ARG A 78 5.21 -8.73 -3.15
CA ARG A 78 4.05 -8.43 -4.00
C ARG A 78 3.31 -7.17 -3.59
N CYS A 79 3.30 -6.90 -2.27
CA CYS A 79 2.60 -5.72 -1.74
C CYS A 79 3.54 -4.54 -1.52
N HIS A 80 4.85 -4.75 -1.71
CA HIS A 80 5.85 -3.68 -1.55
C HIS A 80 5.86 -3.16 -0.12
N ILE A 81 5.78 -4.10 0.85
CA ILE A 81 5.73 -3.77 2.30
C ILE A 81 6.94 -4.33 3.02
N ASP A 82 7.08 -3.98 4.30
CA ASP A 82 8.22 -4.47 5.06
C ASP A 82 8.18 -5.97 5.20
N HIS A 83 9.37 -6.59 5.20
CA HIS A 83 9.51 -8.01 5.45
C HIS A 83 9.63 -8.24 6.96
N PRO A 84 9.11 -9.37 7.46
CA PRO A 84 9.24 -9.69 8.91
C PRO A 84 10.64 -10.07 9.39
N ASN A 85 11.59 -10.38 8.50
CA ASN A 85 12.96 -10.75 8.89
C ASN A 85 13.62 -9.65 9.78
N PRO A 86 14.52 -9.96 10.74
CA PRO A 86 15.10 -8.89 11.58
C PRO A 86 15.67 -7.68 10.85
N LYS A 87 16.46 -7.92 9.79
CA LYS A 87 17.03 -6.82 9.01
C LYS A 87 16.13 -6.31 7.86
N GLY A 88 14.96 -6.90 7.69
CA GLY A 88 14.01 -6.47 6.68
C GLY A 88 14.32 -6.91 5.25
N PHE A 89 15.19 -7.90 5.07
CA PHE A 89 15.52 -8.40 3.72
C PHE A 89 14.78 -9.69 3.42
N CYS A 90 14.65 -10.01 2.13
CA CYS A 90 13.90 -11.18 1.67
C CYS A 90 14.74 -12.42 1.42
N ASP A 91 14.26 -13.60 1.81
CA ASP A 91 14.97 -14.85 1.53
C ASP A 91 14.48 -15.51 0.23
N LEU A 92 13.42 -14.97 -0.40
CA LEU A 92 12.89 -15.55 -1.65
C LEU A 92 13.33 -14.75 -2.88
N LYS A 93 13.31 -13.40 -2.80
CA LYS A 93 13.71 -12.56 -3.93
C LYS A 93 15.16 -12.86 -4.31
N GLY A 94 15.37 -13.11 -5.61
CA GLY A 94 16.70 -13.45 -6.13
C GLY A 94 16.95 -14.95 -6.17
N LYS A 95 15.94 -15.76 -5.79
CA LYS A 95 16.04 -17.22 -5.87
C LYS A 95 14.79 -17.72 -6.61
N TYR A 96 14.80 -19.01 -6.90
CA TYR A 96 13.63 -19.76 -7.39
C TYR A 96 13.06 -20.56 -6.22
N VAL A 97 11.74 -20.68 -6.19
CA VAL A 97 11.08 -21.42 -5.14
C VAL A 97 10.30 -22.56 -5.77
N GLN A 98 10.49 -23.77 -5.23
CA GLN A 98 9.78 -24.96 -5.65
C GLN A 98 8.52 -25.13 -4.82
N ILE A 99 7.38 -25.35 -5.46
CA ILE A 99 6.11 -25.45 -4.77
C ILE A 99 5.46 -26.74 -5.17
N PRO A 100 4.94 -27.53 -4.22
CA PRO A 100 4.27 -28.80 -4.62
C PRO A 100 3.15 -28.52 -5.61
N THR A 101 3.03 -29.36 -6.65
CA THR A 101 1.97 -29.16 -7.66
C THR A 101 0.58 -29.05 -7.07
N THR A 102 0.30 -29.79 -5.99
CA THR A 102 -1.03 -29.73 -5.34
C THR A 102 -1.33 -28.34 -4.76
N CYS A 103 -0.30 -27.51 -4.53
CA CYS A 103 -0.48 -26.17 -3.96
C CYS A 103 -0.14 -25.07 -4.94
N ALA A 104 0.21 -25.37 -6.19
CA ALA A 104 0.67 -24.39 -7.14
C ALA A 104 -0.39 -23.40 -7.60
N ASN A 105 -1.65 -23.58 -7.18
CA ASN A 105 -2.67 -22.57 -7.48
C ASN A 105 -2.48 -21.34 -6.56
N ASP A 106 -1.74 -21.48 -5.45
CA ASP A 106 -1.59 -20.33 -4.55
C ASP A 106 -0.17 -20.34 -3.98
N PRO A 107 0.83 -19.97 -4.82
CA PRO A 107 2.22 -20.00 -4.35
C PRO A 107 2.46 -19.02 -3.19
N VAL A 108 1.78 -17.84 -3.24
CA VAL A 108 2.00 -16.88 -2.15
C VAL A 108 1.50 -17.44 -0.82
N GLY A 109 0.30 -18.02 -0.83
CA GLY A 109 -0.23 -18.60 0.39
C GLY A 109 0.60 -19.79 0.86
N PHE A 110 1.20 -20.53 -0.08
CA PHE A 110 2.02 -21.67 0.31
C PHE A 110 3.25 -21.22 1.09
N THR A 111 3.96 -20.21 0.55
CA THR A 111 5.17 -19.74 1.23
C THR A 111 4.88 -19.09 2.58
N LEU A 112 3.70 -18.46 2.72
CA LEU A 112 3.34 -17.85 4.00
C LEU A 112 3.13 -18.90 5.06
N LYS A 113 2.52 -20.03 4.70
CA LYS A 113 2.14 -21.03 5.70
C LYS A 113 3.14 -22.11 5.97
N ASN A 114 4.19 -22.21 5.15
CA ASN A 114 5.09 -23.36 5.27
C ASN A 114 6.51 -22.97 5.65
N THR A 115 7.31 -23.96 6.06
CA THR A 115 8.66 -23.72 6.56
C THR A 115 9.68 -24.63 5.91
N VAL A 116 10.85 -24.11 5.56
CA VAL A 116 11.92 -24.89 4.95
C VAL A 116 12.77 -25.49 6.04
N CYS A 117 13.06 -26.78 5.91
CA CYS A 117 13.97 -27.42 6.84
C CYS A 117 15.37 -26.92 6.61
N THR A 118 16.05 -26.45 7.66
CA THR A 118 17.41 -25.94 7.50
C THR A 118 18.46 -27.05 7.35
N VAL A 119 18.11 -28.31 7.64
CA VAL A 119 19.07 -29.41 7.56
C VAL A 119 19.10 -30.04 6.16
N CYS A 120 17.93 -30.37 5.61
CA CYS A 120 17.86 -31.03 4.29
C CYS A 120 17.48 -30.08 3.14
N GLY A 121 17.01 -28.89 3.45
CA GLY A 121 16.65 -27.91 2.43
C GLY A 121 15.30 -28.10 1.76
N MET A 122 14.52 -29.08 2.16
CA MET A 122 13.20 -29.33 1.58
C MET A 122 12.05 -28.81 2.50
N TRP A 123 10.85 -28.57 1.95
CA TRP A 123 9.74 -28.03 2.77
C TRP A 123 9.34 -29.05 3.82
N LYS A 124 9.10 -28.59 5.07
CA LYS A 124 8.58 -29.48 6.12
C LYS A 124 7.17 -29.93 5.70
N GLY A 125 6.93 -31.24 5.74
CA GLY A 125 5.65 -31.83 5.35
C GLY A 125 5.47 -32.05 3.86
N TYR A 126 6.43 -31.59 3.03
CA TYR A 126 6.42 -31.67 1.56
C TYR A 126 7.82 -31.96 1.02
N GLY A 127 8.45 -32.97 1.58
CA GLY A 127 9.76 -33.39 1.11
C GLY A 127 10.80 -33.58 2.19
N CYS A 128 10.68 -32.88 3.33
CA CYS A 128 11.67 -33.01 4.41
C CYS A 128 11.88 -34.45 4.84
N SER A 129 13.15 -34.87 4.76
CA SER A 129 13.60 -36.22 5.11
C SER A 129 14.02 -36.37 6.58
N CYS A 130 13.92 -35.29 7.39
CA CYS A 130 14.28 -35.32 8.81
C CYS A 130 13.02 -35.66 9.60
N ASP A 131 12.97 -36.82 10.26
CA ASP A 131 11.77 -37.14 11.06
C ASP A 131 11.94 -36.80 12.55
N ASN B 4 -5.05 -6.56 -20.26
CA ASN B 4 -5.65 -5.97 -19.07
C ASN B 4 -4.62 -5.78 -17.94
N VAL B 5 -4.30 -4.53 -17.65
CA VAL B 5 -3.33 -4.14 -16.63
C VAL B 5 -3.97 -3.04 -15.76
N THR B 6 -3.37 -2.80 -14.60
CA THR B 6 -3.76 -1.69 -13.72
C THR B 6 -2.53 -0.78 -13.53
N GLY B 7 -2.74 0.45 -13.08
CA GLY B 7 -1.66 1.36 -12.71
C GLY B 7 -1.17 1.15 -11.27
N LEU B 8 -1.90 0.32 -10.47
CA LEU B 8 -1.43 0.08 -9.09
C LEU B 8 -0.12 -0.70 -9.16
N PHE B 9 0.90 -0.16 -8.46
CA PHE B 9 2.24 -0.75 -8.45
C PHE B 9 2.92 -0.66 -9.81
N LYS B 10 2.55 0.36 -10.61
CA LYS B 10 3.27 0.59 -11.86
C LYS B 10 4.75 0.92 -11.54
N ASP B 11 5.67 0.36 -12.35
CA ASP B 11 7.08 0.61 -12.19
C ASP B 11 7.38 1.91 -12.91
N CYS B 12 7.80 2.90 -12.16
CA CYS B 12 8.05 4.26 -12.66
C CYS B 12 9.49 4.53 -12.98
N SER B 13 10.36 3.53 -12.93
CA SER B 13 11.76 3.75 -13.26
C SER B 13 11.89 4.10 -14.77
N LYS B 14 13.08 4.56 -15.14
CA LYS B 14 13.39 4.80 -16.56
C LYS B 14 14.28 3.67 -17.12
N VAL B 15 14.27 2.48 -16.47
CA VAL B 15 15.04 1.35 -16.98
C VAL B 15 14.26 0.78 -18.14
N ILE B 16 14.93 0.66 -19.30
CA ILE B 16 14.32 0.19 -20.54
C ILE B 16 13.87 -1.27 -20.46
N THR B 17 14.64 -2.07 -19.76
CA THR B 17 14.36 -3.49 -19.62
C THR B 17 13.57 -3.84 -18.33
N GLY B 18 12.95 -5.02 -18.34
CA GLY B 18 12.25 -5.63 -17.22
C GLY B 18 13.23 -6.32 -16.29
N LEU B 19 12.71 -7.13 -15.37
CA LEU B 19 13.51 -7.78 -14.35
C LEU B 19 13.82 -9.26 -14.63
N HIS B 20 14.85 -9.76 -13.96
CA HIS B 20 15.19 -11.17 -13.99
C HIS B 20 14.05 -11.98 -13.37
N PRO B 21 13.78 -13.21 -13.81
CA PRO B 21 12.66 -13.97 -13.22
C PRO B 21 12.67 -14.11 -11.70
N THR B 22 13.88 -14.14 -11.10
CA THR B 22 13.92 -14.31 -9.63
C THR B 22 13.60 -13.02 -8.86
N GLN B 23 13.71 -11.86 -9.56
CA GLN B 23 13.58 -10.53 -8.91
C GLN B 23 12.29 -9.82 -9.26
N ALA B 24 11.68 -10.17 -10.39
CA ALA B 24 10.42 -9.53 -10.79
C ALA B 24 9.32 -9.89 -9.78
N PRO B 25 8.54 -8.90 -9.32
CA PRO B 25 7.40 -9.25 -8.44
C PRO B 25 6.31 -10.03 -9.19
N THR B 26 6.22 -9.86 -10.53
CA THR B 26 5.15 -10.46 -11.30
C THR B 26 5.61 -10.94 -12.67
N HIS B 27 4.77 -11.76 -13.33
CA HIS B 27 5.10 -12.19 -14.70
C HIS B 27 5.17 -10.96 -15.63
N LEU B 28 4.23 -9.99 -15.50
CA LEU B 28 4.27 -8.81 -16.34
C LEU B 28 5.60 -8.08 -16.24
N SER B 29 6.17 -8.01 -15.03
CA SER B 29 7.40 -7.27 -14.84
C SER B 29 8.70 -8.01 -15.26
N VAL B 30 8.59 -9.31 -15.60
CA VAL B 30 9.79 -10.03 -16.10
C VAL B 30 10.14 -9.43 -17.48
N ASP B 31 11.45 -9.31 -17.77
CA ASP B 31 11.85 -8.83 -19.09
C ASP B 31 11.38 -9.79 -20.19
N THR B 32 11.02 -9.20 -21.35
CA THR B 32 10.58 -9.99 -22.52
C THR B 32 11.59 -11.09 -22.91
N LYS B 33 12.89 -10.87 -22.67
CA LYS B 33 13.89 -11.85 -23.09
C LYS B 33 13.68 -13.24 -22.46
N PHE B 34 13.02 -13.29 -21.28
CA PHE B 34 12.82 -14.56 -20.57
C PHE B 34 11.47 -15.23 -20.88
N LYS B 35 10.64 -14.60 -21.72
CA LYS B 35 9.28 -15.09 -21.94
C LYS B 35 9.14 -15.96 -23.16
N THR B 36 8.62 -17.17 -22.96
CA THR B 36 8.42 -18.08 -24.10
C THR B 36 7.43 -19.13 -23.74
N GLU B 37 6.70 -19.65 -24.74
CA GLU B 37 5.79 -20.77 -24.54
C GLU B 37 4.81 -20.56 -23.37
N GLY B 38 4.34 -19.31 -23.26
CA GLY B 38 3.32 -18.92 -22.30
C GLY B 38 3.81 -18.62 -20.88
N LEU B 39 5.06 -18.98 -20.56
CA LEU B 39 5.62 -18.77 -19.21
C LEU B 39 7.02 -18.13 -19.33
N CYS B 40 7.93 -18.37 -18.34
CA CYS B 40 9.28 -17.80 -18.32
C CYS B 40 10.29 -18.91 -18.26
N VAL B 41 11.51 -18.62 -18.73
CA VAL B 41 12.63 -19.56 -18.61
C VAL B 41 13.79 -18.90 -17.93
N ASP B 42 14.56 -19.70 -17.19
CA ASP B 42 15.80 -19.22 -16.64
C ASP B 42 16.79 -19.40 -17.80
N ILE B 43 17.61 -18.39 -18.07
CA ILE B 43 18.57 -18.46 -19.16
C ILE B 43 19.95 -18.50 -18.58
N PRO B 44 20.68 -19.62 -18.77
CA PRO B 44 22.06 -19.69 -18.27
C PRO B 44 22.91 -18.55 -18.81
N GLY B 45 23.73 -17.93 -17.96
CA GLY B 45 24.60 -16.84 -18.43
C GLY B 45 24.03 -15.44 -18.31
N ILE B 46 22.74 -15.33 -17.93
CA ILE B 46 22.13 -13.99 -17.80
C ILE B 46 22.04 -13.69 -16.32
N PRO B 47 22.76 -12.67 -15.86
CA PRO B 47 22.77 -12.38 -14.43
C PRO B 47 21.53 -11.67 -13.89
N LYS B 48 21.39 -11.76 -12.60
CA LYS B 48 20.45 -10.91 -11.85
C LYS B 48 21.03 -9.49 -11.85
N ASP B 49 20.21 -8.48 -11.52
CA ASP B 49 20.65 -7.09 -11.41
C ASP B 49 20.75 -6.78 -9.92
N MET B 50 21.96 -6.49 -9.43
CA MET B 50 22.15 -6.33 -8.00
C MET B 50 22.24 -4.90 -7.48
N THR B 51 21.93 -3.91 -8.34
CA THR B 51 22.00 -2.49 -7.95
C THR B 51 20.77 -1.65 -8.26
N TYR B 52 19.66 -2.28 -8.70
CA TYR B 52 18.51 -1.47 -9.11
C TYR B 52 17.74 -0.83 -7.96
N ARG B 53 17.13 0.32 -8.32
CA ARG B 53 16.20 1.05 -7.49
C ARG B 53 15.05 1.40 -8.42
N ARG B 54 13.89 0.75 -8.24
CA ARG B 54 12.74 0.98 -9.10
C ARG B 54 11.56 1.57 -8.29
N LEU B 55 11.20 2.82 -8.56
CA LEU B 55 10.05 3.43 -7.84
C LEU B 55 8.77 2.75 -8.26
N ILE B 56 7.96 2.31 -7.25
CA ILE B 56 6.70 1.63 -7.51
C ILE B 56 5.56 2.55 -7.10
N SER B 57 4.65 2.78 -8.04
CA SER B 57 3.52 3.68 -7.78
C SER B 57 2.48 3.14 -6.81
N MET B 58 2.04 4.01 -5.88
CA MET B 58 0.95 3.69 -4.95
C MET B 58 -0.37 4.30 -5.37
N MET B 59 -0.52 4.68 -6.64
CA MET B 59 -1.77 5.22 -7.17
C MET B 59 -2.64 4.07 -7.66
N GLY B 60 -3.89 4.02 -7.21
CA GLY B 60 -4.81 3.01 -7.72
C GLY B 60 -5.28 1.97 -6.72
N PHE B 61 -5.19 2.27 -5.42
CA PHE B 61 -5.70 1.28 -4.45
C PHE B 61 -7.22 1.10 -4.59
N LYS B 62 -7.68 -0.10 -4.27
CA LYS B 62 -9.12 -0.50 -4.36
C LYS B 62 -9.49 -1.13 -3.05
N MET B 63 -10.25 -0.41 -2.19
CA MET B 63 -10.61 -0.94 -0.88
C MET B 63 -11.99 -1.56 -0.87
N ASN B 64 -12.26 -2.40 -1.83
CA ASN B 64 -13.59 -3.02 -2.02
C ASN B 64 -13.64 -4.47 -1.60
N TYR B 65 -12.76 -4.87 -0.71
CA TYR B 65 -12.82 -6.23 -0.19
C TYR B 65 -13.99 -6.36 0.80
N GLN B 66 -14.36 -7.63 1.08
CA GLN B 66 -15.42 -7.93 2.04
C GLN B 66 -14.88 -9.13 2.81
N VAL B 67 -14.25 -8.87 3.95
CA VAL B 67 -13.58 -9.89 4.73
C VAL B 67 -14.16 -9.90 6.11
N ASN B 68 -14.55 -11.09 6.62
CA ASN B 68 -15.20 -11.16 7.91
C ASN B 68 -14.37 -10.56 9.02
N GLY B 69 -14.99 -9.65 9.77
CA GLY B 69 -14.32 -9.07 10.93
C GLY B 69 -13.49 -7.83 10.63
N TYR B 70 -13.37 -7.46 9.36
CA TYR B 70 -12.63 -6.24 8.98
C TYR B 70 -13.66 -5.22 8.57
N PRO B 71 -13.68 -4.04 9.23
CA PRO B 71 -14.72 -3.05 8.86
C PRO B 71 -14.51 -2.46 7.48
N ASN B 72 -15.60 -1.95 6.90
CA ASN B 72 -15.49 -1.25 5.62
C ASN B 72 -14.83 0.11 5.90
N MET B 73 -13.89 0.55 5.07
CA MET B 73 -13.27 1.88 5.21
C MET B 73 -14.24 2.93 4.69
N PHE B 74 -14.77 2.75 3.48
CA PHE B 74 -15.69 3.70 2.88
C PHE B 74 -17.09 3.40 3.37
N ILE B 75 -17.77 4.43 3.86
CA ILE B 75 -19.11 4.26 4.43
C ILE B 75 -20.17 4.99 3.62
N THR B 76 -21.45 4.65 3.86
CA THR B 76 -22.53 5.32 3.16
C THR B 76 -22.77 6.73 3.70
N ARG B 77 -23.50 7.55 2.93
CA ARG B 77 -23.88 8.87 3.36
C ARG B 77 -24.69 8.80 4.67
N GLU B 78 -25.58 7.80 4.81
CA GLU B 78 -26.39 7.67 6.03
C GLU B 78 -25.53 7.37 7.26
N GLU B 79 -24.56 6.45 7.13
CA GLU B 79 -23.67 6.15 8.24
C GLU B 79 -22.82 7.39 8.55
N ALA B 80 -22.30 8.05 7.50
CA ALA B 80 -21.50 9.26 7.73
C ALA B 80 -22.27 10.34 8.49
N ILE B 81 -23.55 10.52 8.17
CA ILE B 81 -24.36 11.54 8.83
C ILE B 81 -24.45 11.23 10.33
N ARG B 82 -24.67 9.94 10.73
CA ARG B 82 -24.73 9.62 12.15
C ARG B 82 -23.45 10.01 12.89
N HIS B 83 -22.30 9.98 12.15
CA HIS B 83 -20.98 10.24 12.75
C HIS B 83 -20.44 11.61 12.32
N VAL B 84 -21.30 12.61 12.14
CA VAL B 84 -20.85 13.95 11.77
C VAL B 84 -19.82 14.52 12.78
N ARG B 85 -19.90 14.14 14.08
CA ARG B 85 -18.89 14.65 15.02
C ARG B 85 -17.48 14.09 14.78
N ALA B 86 -17.38 12.99 14.02
CA ALA B 86 -16.10 12.39 13.66
C ALA B 86 -15.57 12.93 12.34
N TRP B 87 -16.29 13.86 11.65
CA TRP B 87 -15.84 14.33 10.33
C TRP B 87 -14.62 15.19 10.35
N ILE B 88 -13.60 14.76 9.58
CA ILE B 88 -12.38 15.54 9.41
C ILE B 88 -12.18 15.64 7.91
N GLY B 89 -12.32 16.85 7.35
CA GLY B 89 -12.02 17.04 5.91
C GLY B 89 -10.53 16.80 5.68
N PHE B 90 -10.16 16.20 4.54
CA PHE B 90 -8.79 15.86 4.28
C PHE B 90 -8.50 16.02 2.80
N ASP B 91 -7.39 16.72 2.51
CA ASP B 91 -6.94 16.93 1.15
C ASP B 91 -5.41 16.92 1.11
N VAL B 92 -4.84 16.45 0.02
CA VAL B 92 -3.39 16.40 -0.14
C VAL B 92 -3.00 17.04 -1.45
N GLU B 93 -1.98 17.89 -1.38
CA GLU B 93 -1.37 18.41 -2.61
C GLU B 93 -0.09 17.62 -2.84
N GLY B 94 0.10 17.10 -4.03
CA GLY B 94 1.27 16.25 -4.28
C GLY B 94 2.37 16.92 -5.08
N CYS B 95 3.51 16.26 -5.12
CA CYS B 95 4.61 16.62 -6.01
C CYS B 95 4.85 15.41 -6.93
N HIS B 96 5.52 15.60 -8.05
CA HIS B 96 5.71 14.54 -9.03
C HIS B 96 7.08 13.93 -8.97
N ALA B 97 7.17 12.59 -9.17
CA ALA B 97 8.46 11.93 -9.27
C ALA B 97 9.24 12.49 -10.50
N THR B 98 10.55 12.67 -10.35
CA THR B 98 11.37 13.19 -11.45
CA THR B 98 11.39 13.22 -11.42
C THR B 98 12.73 12.48 -11.46
N ARG B 99 13.57 12.74 -12.49
CA ARG B 99 14.92 12.25 -12.62
C ARG B 99 15.04 10.71 -12.70
N GLU B 100 15.24 9.99 -11.58
CA GLU B 100 15.36 8.54 -11.60
C GLU B 100 14.04 7.80 -11.86
N ALA B 101 12.92 8.54 -11.82
CA ALA B 101 11.60 7.96 -12.02
C ALA B 101 10.62 9.02 -12.51
N VAL B 102 9.59 8.59 -13.19
CA VAL B 102 8.52 9.48 -13.66
C VAL B 102 7.24 8.68 -13.73
N GLY B 103 6.12 9.33 -13.40
CA GLY B 103 4.81 8.74 -13.55
C GLY B 103 4.00 8.51 -12.30
N THR B 104 4.36 9.17 -11.18
CA THR B 104 3.60 8.99 -9.93
C THR B 104 3.64 10.26 -9.10
N ASN B 105 2.67 10.38 -8.21
CA ASN B 105 2.44 11.54 -7.36
C ASN B 105 2.84 11.13 -5.94
N LEU B 106 3.59 11.98 -5.23
CA LEU B 106 4.00 11.72 -3.86
C LEU B 106 3.37 12.79 -2.97
N PRO B 107 2.90 12.45 -1.76
CA PRO B 107 2.31 13.48 -0.88
C PRO B 107 3.29 14.57 -0.52
N LEU B 108 2.85 15.82 -0.55
CA LEU B 108 3.73 16.94 -0.18
C LEU B 108 3.08 17.72 0.98
N GLN B 109 1.83 18.27 0.77
CA GLN B 109 1.16 19.03 1.80
C GLN B 109 -0.15 18.36 2.15
N LEU B 110 -0.24 17.93 3.39
CA LEU B 110 -1.40 17.23 3.92
C LEU B 110 -2.21 18.20 4.72
N GLY B 111 -3.43 18.44 4.29
CA GLY B 111 -4.30 19.44 4.91
C GLY B 111 -5.57 18.87 5.51
N PHE B 112 -5.98 19.47 6.62
CA PHE B 112 -7.14 18.97 7.36
C PHE B 112 -8.12 20.06 7.70
N SER B 113 -9.40 19.70 7.97
CA SER B 113 -10.39 20.74 8.29
C SER B 113 -10.17 21.43 9.62
N THR B 114 -9.18 20.95 10.40
CA THR B 114 -8.78 21.62 11.64
C THR B 114 -7.94 22.87 11.33
N GLY B 115 -7.58 23.09 10.05
CA GLY B 115 -6.72 24.20 9.66
C GLY B 115 -5.25 23.84 9.60
N VAL B 116 -4.90 22.61 10.02
CA VAL B 116 -3.51 22.14 10.03
C VAL B 116 -3.03 21.71 8.64
N ASN B 117 -1.82 22.17 8.26
CA ASN B 117 -1.12 21.68 7.08
C ASN B 117 0.19 21.09 7.57
N LEU B 118 0.49 19.85 7.14
CA LEU B 118 1.75 19.18 7.45
C LEU B 118 2.47 18.95 6.14
N VAL B 119 3.78 19.21 6.11
CA VAL B 119 4.56 19.05 4.91
C VAL B 119 5.52 17.87 5.06
N ALA B 120 5.50 16.94 4.10
CA ALA B 120 6.35 15.77 4.15
C ALA B 120 7.49 15.90 3.16
N VAL B 121 8.63 15.26 3.48
CA VAL B 121 9.68 15.10 2.51
C VAL B 121 9.11 14.20 1.38
N PRO B 122 9.38 14.48 0.11
CA PRO B 122 8.87 13.60 -0.98
C PRO B 122 9.46 12.19 -0.78
N THR B 123 8.60 11.19 -0.53
CA THR B 123 9.04 9.85 -0.16
C THR B 123 8.23 8.83 -0.95
N GLY B 124 8.91 7.79 -1.42
CA GLY B 124 8.26 6.77 -2.21
C GLY B 124 8.72 5.37 -1.86
N TYR B 125 8.13 4.42 -2.55
CA TYR B 125 8.35 2.99 -2.28
C TYR B 125 9.25 2.47 -3.38
N VAL B 126 10.55 2.25 -3.08
CA VAL B 126 11.54 1.89 -4.09
C VAL B 126 11.93 0.42 -3.95
N ASP B 127 11.59 -0.35 -4.99
CA ASP B 127 11.98 -1.76 -4.96
C ASP B 127 13.48 -1.90 -5.27
N THR B 128 14.11 -2.80 -4.51
CA THR B 128 15.54 -3.06 -4.67
C THR B 128 15.70 -4.57 -4.78
N PRO B 129 16.95 -5.05 -4.99
CA PRO B 129 17.14 -6.50 -5.03
C PRO B 129 16.82 -7.23 -3.74
N ASN B 130 16.68 -6.53 -2.57
CA ASN B 130 16.47 -7.21 -1.31
C ASN B 130 15.18 -6.92 -0.58
N ASN B 131 14.50 -5.84 -0.97
CA ASN B 131 13.32 -5.39 -0.21
C ASN B 131 12.65 -4.23 -0.96
N THR B 132 11.68 -3.58 -0.29
CA THR B 132 11.16 -2.30 -0.73
C THR B 132 11.73 -1.27 0.26
N ASP B 133 12.42 -0.26 -0.27
CA ASP B 133 13.02 0.81 0.52
C ASP B 133 12.10 2.02 0.52
N PHE B 134 11.48 2.31 1.67
CA PHE B 134 10.60 3.49 1.77
C PHE B 134 11.58 4.64 2.02
N SER B 135 11.73 5.49 1.01
CA SER B 135 12.81 6.45 1.04
C SER B 135 12.53 7.74 0.29
N ARG B 136 13.33 8.79 0.60
CA ARG B 136 13.23 10.05 -0.13
C ARG B 136 13.55 9.82 -1.60
N VAL B 137 12.74 10.42 -2.49
CA VAL B 137 12.91 10.33 -3.92
C VAL B 137 12.97 11.71 -4.54
N SER B 138 13.61 11.81 -5.71
CA SER B 138 13.63 13.09 -6.45
C SER B 138 12.20 13.48 -6.85
N ALA B 139 11.86 14.76 -6.64
CA ALA B 139 10.51 15.23 -6.98
C ALA B 139 10.49 16.71 -7.32
N LYS B 140 9.44 17.13 -8.01
CA LYS B 140 9.25 18.54 -8.27
C LYS B 140 7.75 18.89 -8.14
N PRO B 141 7.43 20.14 -7.77
CA PRO B 141 6.02 20.54 -7.74
C PRO B 141 5.49 20.56 -9.18
N PRO B 142 4.18 20.36 -9.38
CA PRO B 142 3.64 20.45 -10.75
C PRO B 142 3.87 21.86 -11.32
N PRO B 143 4.19 21.99 -12.62
CA PRO B 143 4.38 23.34 -13.18
C PRO B 143 3.04 24.08 -13.36
N GLY B 144 3.10 25.39 -13.41
CA GLY B 144 1.89 26.19 -13.56
C GLY B 144 1.72 27.14 -12.40
N ASP B 145 1.11 28.29 -12.67
CA ASP B 145 0.93 29.33 -11.65
C ASP B 145 0.02 28.91 -10.50
N GLN B 146 -0.93 28.01 -10.77
CA GLN B 146 -1.83 27.53 -9.72
C GLN B 146 -1.09 26.67 -8.66
N PHE B 147 0.14 26.20 -8.97
CA PHE B 147 0.94 25.35 -8.08
C PHE B 147 2.21 26.02 -7.53
N LYS B 148 2.44 27.30 -7.85
CA LYS B 148 3.62 28.04 -7.40
C LYS B 148 3.83 28.02 -5.88
N HIS B 149 2.73 28.04 -5.11
CA HIS B 149 2.83 28.06 -3.65
C HIS B 149 3.53 26.80 -3.08
N LEU B 150 3.57 25.71 -3.84
CA LEU B 150 4.22 24.47 -3.37
C LEU B 150 5.76 24.52 -3.46
N ILE B 151 6.32 25.50 -4.20
CA ILE B 151 7.76 25.59 -4.38
C ILE B 151 8.54 25.64 -3.07
N PRO B 152 8.27 26.55 -2.12
CA PRO B 152 9.05 26.53 -0.87
C PRO B 152 8.86 25.28 -0.03
N LEU B 153 7.75 24.58 -0.23
CA LEU B 153 7.50 23.37 0.55
C LEU B 153 8.45 22.23 0.22
N MET B 154 9.07 22.24 -0.98
CA MET B 154 10.01 21.17 -1.36
C MET B 154 11.22 21.04 -0.42
N TYR B 155 11.55 22.07 0.36
CA TYR B 155 12.68 22.00 1.28
C TYR B 155 12.30 22.20 2.76
N LYS B 156 10.98 22.19 3.07
CA LYS B 156 10.50 22.34 4.45
C LYS B 156 9.83 21.04 5.01
N GLY B 157 9.89 19.97 4.23
CA GLY B 157 9.25 18.73 4.61
C GLY B 157 9.87 18.08 5.81
N LEU B 158 9.06 17.36 6.58
CA LEU B 158 9.46 16.55 7.72
C LEU B 158 9.50 15.08 7.27
N PRO B 159 10.37 14.26 7.85
CA PRO B 159 10.37 12.82 7.51
C PRO B 159 9.00 12.21 7.86
N TRP B 160 8.58 11.18 7.08
CA TRP B 160 7.27 10.57 7.32
C TRP B 160 7.08 9.99 8.72
N ASN B 161 8.16 9.49 9.33
CA ASN B 161 8.04 8.97 10.70
C ASN B 161 7.59 10.08 11.68
N VAL B 162 7.96 11.37 11.39
CA VAL B 162 7.53 12.50 12.20
C VAL B 162 6.12 12.97 11.80
N VAL B 163 5.84 13.00 10.46
CA VAL B 163 4.54 13.43 10.00
C VAL B 163 3.43 12.55 10.52
N ARG B 164 3.61 11.20 10.49
CA ARG B 164 2.46 10.36 10.90
C ARG B 164 2.18 10.48 12.41
N ILE B 165 3.23 10.68 13.24
CA ILE B 165 3.00 10.91 14.66
C ILE B 165 2.20 12.23 14.84
N LYS B 166 2.52 13.27 14.05
CA LYS B 166 1.80 14.55 14.17
C LYS B 166 0.33 14.42 13.73
N ILE B 167 0.08 13.57 12.70
CA ILE B 167 -1.32 13.36 12.26
C ILE B 167 -2.12 12.68 13.38
N VAL B 168 -1.54 11.63 13.99
CA VAL B 168 -2.24 10.92 15.06
C VAL B 168 -2.50 11.86 16.25
N GLN B 169 -1.51 12.70 16.59
CA GLN B 169 -1.66 13.62 17.71
C GLN B 169 -2.77 14.63 17.41
N MET B 170 -2.77 15.17 16.18
CA MET B 170 -3.80 16.17 15.82
C MET B 170 -5.20 15.54 15.86
N LEU B 171 -5.34 14.35 15.24
CA LEU B 171 -6.63 13.68 15.27
C LEU B 171 -7.10 13.36 16.69
N SER B 172 -6.17 12.87 17.53
CA SER B 172 -6.49 12.54 18.92
C SER B 172 -6.92 13.76 19.72
N ASP B 173 -6.18 14.86 19.57
CA ASP B 173 -6.48 16.13 20.27
C ASP B 173 -7.87 16.61 19.83
N THR B 174 -8.18 16.51 18.55
CA THR B 174 -9.46 16.99 18.03
C THR B 174 -10.67 16.11 18.38
N LEU B 175 -10.52 14.79 18.30
CA LEU B 175 -11.66 13.87 18.40
C LEU B 175 -11.89 13.18 19.71
N LYS B 176 -10.92 13.25 20.66
CA LYS B 176 -11.05 12.46 21.88
C LYS B 176 -12.35 12.71 22.66
N ASN B 177 -12.87 13.94 22.62
CA ASN B 177 -14.14 14.21 23.30
C ASN B 177 -15.34 14.32 22.36
N LEU B 178 -15.17 13.91 21.10
CA LEU B 178 -16.21 14.00 20.07
C LEU B 178 -16.72 12.66 19.53
N SER B 179 -15.82 11.65 19.38
CA SER B 179 -16.22 10.39 18.76
C SER B 179 -15.24 9.27 19.10
N ASP B 180 -15.67 8.03 18.90
CA ASP B 180 -14.85 6.84 19.05
C ASP B 180 -14.16 6.49 17.72
N ARG B 181 -14.30 7.35 16.67
CA ARG B 181 -13.70 7.04 15.37
C ARG B 181 -13.33 8.32 14.67
N VAL B 182 -12.81 8.19 13.42
CA VAL B 182 -12.63 9.32 12.50
C VAL B 182 -13.33 8.97 11.22
N VAL B 183 -13.98 9.96 10.60
CA VAL B 183 -14.51 9.82 9.25
C VAL B 183 -13.80 10.90 8.39
N PHE B 184 -12.86 10.50 7.55
CA PHE B 184 -12.25 11.47 6.63
C PHE B 184 -13.24 11.82 5.56
N VAL B 185 -13.46 13.13 5.35
CA VAL B 185 -14.40 13.62 4.34
C VAL B 185 -13.57 14.10 3.16
N LEU B 186 -13.76 13.44 2.02
CA LEU B 186 -12.89 13.61 0.84
C LEU B 186 -13.65 14.15 -0.37
N TRP B 187 -12.93 14.70 -1.31
CA TRP B 187 -13.48 15.11 -2.60
C TRP B 187 -12.53 14.51 -3.65
N ALA B 188 -12.95 13.51 -4.46
CA ALA B 188 -12.13 12.82 -5.51
C ALA B 188 -10.98 12.12 -4.79
N HIS B 189 -11.30 10.99 -4.14
CA HIS B 189 -10.48 10.35 -3.13
C HIS B 189 -9.20 9.67 -3.52
N GLY B 190 -8.93 9.41 -4.79
CA GLY B 190 -7.79 8.59 -5.19
C GLY B 190 -6.46 8.94 -4.52
N PHE B 191 -6.02 10.21 -4.66
CA PHE B 191 -4.75 10.61 -4.09
C PHE B 191 -4.78 10.65 -2.56
N GLU B 192 -5.96 10.94 -1.96
CA GLU B 192 -6.06 10.90 -0.50
C GLU B 192 -5.90 9.46 -0.01
N LEU B 193 -6.46 8.50 -0.74
CA LEU B 193 -6.29 7.09 -0.38
C LEU B 193 -4.81 6.66 -0.54
N THR B 194 -4.15 7.09 -1.66
CA THR B 194 -2.71 6.85 -1.82
C THR B 194 -1.93 7.43 -0.62
N SER B 195 -2.29 8.65 -0.20
CA SER B 195 -1.60 9.27 0.93
C SER B 195 -1.84 8.53 2.21
N MET B 196 -3.06 7.95 2.39
CA MET B 196 -3.33 7.18 3.60
C MET B 196 -2.45 5.96 3.75
N LYS B 197 -1.91 5.41 2.63
CA LYS B 197 -0.96 4.28 2.75
C LYS B 197 0.21 4.65 3.65
N TYR B 198 0.56 5.96 3.66
CA TYR B 198 1.72 6.43 4.43
C TYR B 198 1.43 6.57 5.94
N PHE B 199 0.16 6.51 6.40
CA PHE B 199 -0.11 6.74 7.83
C PHE B 199 -1.35 6.00 8.42
N VAL B 200 -1.92 5.07 7.65
CA VAL B 200 -3.08 4.27 8.08
C VAL B 200 -2.76 2.79 8.04
N LYS B 201 -3.22 2.06 9.05
CA LYS B 201 -3.20 0.60 9.04
C LYS B 201 -4.63 0.11 9.34
N ILE B 202 -4.94 -1.09 8.86
CA ILE B 202 -6.24 -1.71 9.05
C ILE B 202 -6.12 -3.13 9.62
N GLY B 203 -7.24 -3.59 10.15
CA GLY B 203 -7.33 -4.95 10.67
C GLY B 203 -8.68 -5.15 11.32
N PRO B 204 -8.81 -6.21 12.11
CA PRO B 204 -10.07 -6.39 12.87
C PRO B 204 -10.21 -5.26 13.91
N GLU B 205 -11.43 -5.03 14.41
CA GLU B 205 -11.60 -4.05 15.52
C GLU B 205 -10.82 -4.45 16.77
N ARG B 206 -10.14 -3.50 17.43
CA ARG B 206 -9.35 -3.78 18.62
C ARG B 206 -9.69 -2.77 19.75
N THR B 207 -9.16 -2.98 20.99
CA THR B 207 -9.37 -2.00 22.06
C THR B 207 -8.01 -1.42 22.50
N CYS B 208 -8.03 -0.24 23.17
CA CYS B 208 -6.88 0.48 23.74
C CYS B 208 -6.07 -0.41 24.68
N CYS B 209 -4.78 -0.26 24.69
N CYS B 209 -4.72 -0.24 24.68
CA CYS B 209 -3.89 -0.98 25.59
CA CYS B 209 -3.78 -0.94 25.57
C CYS B 209 -4.13 -0.44 27.03
C CYS B 209 -3.75 -0.33 26.99
N LEU B 210 -4.30 0.88 27.15
CA LEU B 210 -4.39 1.60 28.42
C LEU B 210 -5.76 1.78 28.99
N CYS B 211 -6.82 1.36 28.30
CA CYS B 211 -8.21 1.51 28.78
C CYS B 211 -9.15 0.62 27.94
N ASP B 212 -10.49 0.69 28.11
CA ASP B 212 -11.45 -0.20 27.42
C ASP B 212 -12.10 0.37 26.15
N ARG B 213 -11.62 1.51 25.68
CA ARG B 213 -12.18 2.15 24.49
C ARG B 213 -11.71 1.47 23.19
N ARG B 214 -12.49 1.64 22.12
CA ARG B 214 -12.18 1.19 20.75
C ARG B 214 -10.86 1.83 20.26
N ALA B 215 -9.97 1.00 19.68
CA ALA B 215 -8.69 1.49 19.17
C ALA B 215 -8.90 2.24 17.84
N THR B 216 -8.30 3.40 17.84
CA THR B 216 -8.28 4.32 16.68
C THR B 216 -6.85 4.53 16.20
N CYS B 217 -5.83 4.04 16.92
CA CYS B 217 -4.43 4.25 16.66
C CYS B 217 -3.68 2.94 16.88
N PHE B 218 -2.54 2.83 16.20
CA PHE B 218 -1.65 1.68 16.28
C PHE B 218 -0.21 2.18 16.42
N SER B 219 0.61 1.45 17.22
CA SER B 219 2.02 1.78 17.39
C SER B 219 2.93 0.70 16.82
N THR B 220 3.78 1.04 15.86
CA THR B 220 4.77 0.09 15.35
C THR B 220 5.87 -0.13 16.40
N ALA B 221 6.03 0.79 17.37
CA ALA B 221 7.08 0.62 18.40
C ALA B 221 6.85 -0.63 19.23
N SER B 222 5.61 -0.88 19.65
CA SER B 222 5.26 -1.97 20.52
C SER B 222 4.23 -2.94 20.00
N ASP B 223 3.69 -2.70 18.77
CA ASP B 223 2.58 -3.54 18.27
C ASP B 223 1.37 -3.49 19.20
N THR B 224 1.06 -2.26 19.62
CA THR B 224 -0.03 -1.97 20.53
C THR B 224 -1.07 -1.03 19.89
N TYR B 225 -2.24 -0.95 20.51
CA TYR B 225 -3.37 -0.19 20.00
C TYR B 225 -3.85 0.81 21.00
N ALA B 226 -4.19 2.04 20.59
CA ALA B 226 -4.70 3.05 21.54
C ALA B 226 -5.98 3.71 21.03
N CYS B 227 -6.77 4.25 21.96
CA CYS B 227 -7.93 5.10 21.68
C CYS B 227 -7.34 6.51 21.49
N TRP B 228 -8.24 7.51 21.24
CA TRP B 228 -7.79 8.88 21.06
C TRP B 228 -7.20 9.53 22.35
N HIS B 229 -7.54 8.95 23.53
CA HIS B 229 -7.03 9.48 24.80
C HIS B 229 -5.64 8.99 25.20
N HIS B 230 -5.18 7.84 24.66
CA HIS B 230 -3.89 7.27 25.10
C HIS B 230 -2.93 7.00 23.98
N SER B 231 -2.98 7.84 22.96
CA SER B 231 -2.20 7.62 21.76
C SER B 231 -0.92 8.42 21.66
N ILE B 232 -0.38 9.06 22.78
CA ILE B 232 0.87 9.83 22.62
C ILE B 232 1.98 8.93 22.13
N GLY B 233 2.70 9.38 21.12
CA GLY B 233 3.77 8.59 20.55
C GLY B 233 3.29 7.54 19.56
N PHE B 234 1.96 7.34 19.40
CA PHE B 234 1.46 6.38 18.39
C PHE B 234 1.65 6.94 17.01
N ASP B 235 2.05 6.06 16.08
CA ASP B 235 2.40 6.52 14.76
C ASP B 235 1.39 6.27 13.62
N TYR B 236 0.44 5.35 13.82
CA TYR B 236 -0.55 5.07 12.76
C TYR B 236 -1.99 5.29 13.19
N VAL B 237 -2.80 5.74 12.22
CA VAL B 237 -4.25 5.83 12.39
C VAL B 237 -4.76 4.42 12.05
N TYR B 238 -5.58 3.83 12.90
CA TYR B 238 -6.04 2.45 12.75
C TYR B 238 -7.53 2.41 12.44
N ASN B 239 -7.92 1.68 11.41
CA ASN B 239 -9.34 1.55 11.04
C ASN B 239 -10.09 2.90 10.98
N PRO B 240 -9.59 3.87 10.23
CA PRO B 240 -10.39 5.05 9.96
C PRO B 240 -11.54 4.74 9.02
N PHE B 241 -12.54 5.63 8.97
CA PHE B 241 -13.60 5.55 7.96
C PHE B 241 -13.47 6.76 7.04
N MET B 242 -14.19 6.72 5.93
CA MET B 242 -14.09 7.81 4.96
C MET B 242 -15.26 7.81 4.00
N ILE B 243 -15.48 8.96 3.36
CA ILE B 243 -16.52 9.07 2.36
C ILE B 243 -16.06 10.11 1.34
N ASP B 244 -16.41 9.87 0.05
CA ASP B 244 -16.08 10.81 -1.02
C ASP B 244 -17.35 11.59 -1.40
N VAL B 245 -17.40 12.85 -1.00
CA VAL B 245 -18.49 13.80 -1.22
C VAL B 245 -18.76 13.98 -2.72
N GLN B 246 -17.71 13.96 -3.54
CA GLN B 246 -17.87 14.19 -4.99
C GLN B 246 -18.86 13.20 -5.63
N GLN B 247 -18.95 11.98 -5.08
CA GLN B 247 -19.84 10.93 -5.57
C GLN B 247 -21.33 11.19 -5.24
N TRP B 248 -21.66 12.32 -4.58
CA TRP B 248 -23.06 12.65 -4.25
C TRP B 248 -23.83 13.43 -5.34
N GLY B 249 -23.29 13.51 -6.56
CA GLY B 249 -24.01 14.15 -7.66
C GLY B 249 -23.58 15.53 -8.10
N PHE B 250 -22.53 16.09 -7.49
CA PHE B 250 -22.01 17.40 -7.87
C PHE B 250 -21.32 17.29 -9.25
N THR B 251 -21.30 18.36 -10.09
CA THR B 251 -20.73 18.22 -11.46
C THR B 251 -19.39 18.92 -11.78
N GLY B 252 -19.14 20.05 -11.15
CA GLY B 252 -17.91 20.79 -11.41
C GLY B 252 -16.90 20.60 -10.30
N ASN B 253 -16.04 21.60 -10.09
CA ASN B 253 -14.98 21.51 -9.08
C ASN B 253 -15.50 21.68 -7.64
N LEU B 254 -14.64 21.43 -6.64
CA LEU B 254 -15.01 21.60 -5.24
C LEU B 254 -15.47 23.02 -4.91
N GLN B 255 -14.68 24.03 -5.29
CA GLN B 255 -14.99 25.39 -4.91
C GLN B 255 -16.35 25.85 -5.41
N SER B 256 -16.71 25.51 -6.64
CA SER B 256 -18.00 25.95 -7.20
C SER B 256 -19.18 25.33 -6.46
N ASN B 257 -19.02 24.10 -5.97
CA ASN B 257 -20.11 23.45 -5.23
C ASN B 257 -20.13 23.99 -3.80
N HIS B 258 -18.96 24.13 -3.17
CA HIS B 258 -18.88 24.72 -1.82
C HIS B 258 -19.54 26.12 -1.78
N ASP B 259 -19.20 26.96 -2.78
CA ASP B 259 -19.67 28.34 -2.85
C ASP B 259 -21.19 28.48 -3.06
N LEU B 260 -21.89 27.41 -3.44
CA LEU B 260 -23.36 27.45 -3.59
C LEU B 260 -24.03 27.68 -2.23
N TYR B 261 -23.43 27.17 -1.14
CA TYR B 261 -24.04 27.29 0.18
C TYR B 261 -23.28 28.15 1.16
N CYS B 262 -22.00 28.43 0.89
CA CYS B 262 -21.17 29.12 1.86
C CYS B 262 -20.37 30.23 1.25
N GLN B 263 -20.25 31.32 2.01
CA GLN B 263 -19.49 32.48 1.61
C GLN B 263 -18.36 32.84 2.61
N VAL B 264 -18.34 32.21 3.79
CA VAL B 264 -17.32 32.52 4.80
C VAL B 264 -15.97 31.84 4.52
N HIS B 265 -15.89 30.86 3.60
CA HIS B 265 -14.62 30.19 3.32
C HIS B 265 -14.09 30.58 1.95
N GLY B 266 -13.39 31.70 1.90
CA GLY B 266 -12.72 32.12 0.66
C GLY B 266 -11.58 31.18 0.37
N ASN B 267 -11.30 30.91 -0.92
CA ASN B 267 -10.23 29.99 -1.29
C ASN B 267 -8.85 30.62 -1.11
N ALA B 268 -8.05 30.09 -0.16
CA ALA B 268 -6.69 30.57 0.04
C ALA B 268 -5.62 29.65 -0.62
N HIS B 269 -6.06 28.75 -1.51
CA HIS B 269 -5.27 27.82 -2.33
C HIS B 269 -4.22 27.03 -1.53
N VAL B 270 -4.69 26.15 -0.64
CA VAL B 270 -3.82 25.33 0.21
C VAL B 270 -4.59 24.05 0.59
N ALA B 271 -3.90 22.95 0.87
CA ALA B 271 -4.54 21.69 1.23
C ALA B 271 -5.57 21.84 2.35
N SER B 272 -5.21 22.61 3.41
CA SER B 272 -6.17 22.78 4.51
C SER B 272 -7.41 23.49 4.08
N CYS B 273 -7.31 24.45 3.15
N CYS B 273 -7.31 24.44 3.15
CA CYS B 273 -8.50 25.17 2.69
CA CYS B 273 -8.46 25.19 2.67
C CYS B 273 -9.41 24.24 1.90
C CYS B 273 -9.40 24.28 1.86
N ASP B 274 -8.83 23.36 1.06
CA ASP B 274 -9.65 22.40 0.33
C ASP B 274 -10.31 21.42 1.32
N ALA B 275 -9.60 21.03 2.38
CA ALA B 275 -10.17 20.16 3.42
C ALA B 275 -11.32 20.85 4.18
N ILE B 276 -11.18 22.15 4.48
CA ILE B 276 -12.25 22.90 5.15
C ILE B 276 -13.44 23.02 4.24
N MET B 277 -13.19 23.34 2.95
CA MET B 277 -14.31 23.47 2.00
C MET B 277 -15.04 22.15 1.83
N THR B 278 -14.31 21.02 1.84
CA THR B 278 -14.93 19.72 1.63
C THR B 278 -15.86 19.35 2.78
N ARG B 279 -15.38 19.55 4.01
CA ARG B 279 -16.22 19.24 5.17
C ARG B 279 -17.40 20.22 5.24
N CYS B 280 -17.15 21.49 4.92
CA CYS B 280 -18.22 22.50 4.94
C CYS B 280 -19.32 22.17 3.93
N LEU B 281 -18.95 21.80 2.70
CA LEU B 281 -19.94 21.40 1.69
C LEU B 281 -20.75 20.20 2.15
N ALA B 282 -20.09 19.18 2.72
CA ALA B 282 -20.80 18.00 3.19
C ALA B 282 -21.80 18.39 4.30
N VAL B 283 -21.37 19.26 5.23
CA VAL B 283 -22.24 19.66 6.33
C VAL B 283 -23.47 20.43 5.80
N HIS B 284 -23.23 21.36 4.88
CA HIS B 284 -24.37 22.12 4.30
C HIS B 284 -25.33 21.19 3.54
N GLU B 285 -24.80 20.25 2.79
CA GLU B 285 -25.63 19.31 2.04
C GLU B 285 -26.48 18.42 2.95
N CYS B 286 -25.93 17.97 4.09
CA CYS B 286 -26.66 17.01 4.94
C CYS B 286 -27.49 17.59 6.07
N PHE B 287 -27.12 18.78 6.55
CA PHE B 287 -27.72 19.30 7.77
C PHE B 287 -28.44 20.63 7.67
N VAL B 288 -28.28 21.39 6.59
CA VAL B 288 -28.92 22.70 6.49
C VAL B 288 -30.23 22.63 5.70
#